data_8PPJ
#
_entry.id   8PPJ
#
_cell.length_a   72.530
_cell.length_b   97.063
_cell.length_c   191.127
_cell.angle_alpha   90.00
_cell.angle_beta   90.00
_cell.angle_gamma   90.00
#
_symmetry.space_group_name_H-M   'C 2 2 21'
#
loop_
_entity.id
_entity.type
_entity.pdbx_description
1 polymer 'Inositol-trisphosphate 3-kinase A'
2 non-polymer "ADENOSINE-5'-DIPHOSPHATE"
3 non-polymer "beta-D-glucopyranosylmethanol 3,4,6,1'-tetrakisphosphate"
4 non-polymer 'SULFATE ION'
5 non-polymer 'MANGANESE (II) ION'
6 water water
#
_entity_poly.entity_id   1
_entity_poly.type   'polypeptide(L)'
_entity_poly.pdbx_seq_one_letter_code
;GSHMSWVQLAGHTGSFKAAGTSGLILKRCSEPERYCLARLMADALRGCVPAFHGVVERDGESYLQLQDLLDGFDGPCVLD
CKMGVRTYLEEELTKARERPKLRKDMYKKMLAVDPEAPTEEEHAQRAVTKPRYMQWREGISSSTTLGFRIEGIKKADGSC
STDFKTTRSREQVLRVFEEFVQGDEEVLRRYLNRLQQIRDTLEVSEFFRRHEVIGSSLLFVHDHCHRAGVWLIDFGKTTP
LPDGQILDHRRPWEEGNREDGYLLGLDNLIGILASLAER
;
_entity_poly.pdbx_strand_id   A,B
#
# COMPACT_ATOMS: atom_id res chain seq x y z
N GLY A 1 4.36 12.80 -13.10
CA GLY A 1 3.38 13.79 -13.63
C GLY A 1 2.71 14.59 -12.52
N SER A 2 2.14 13.90 -11.53
CA SER A 2 1.45 14.52 -10.36
C SER A 2 1.19 13.46 -9.28
N HIS A 3 1.29 13.83 -7.99
CA HIS A 3 1.07 12.93 -6.83
C HIS A 3 -0.41 12.58 -6.71
N MET A 4 -1.31 13.56 -6.88
CA MET A 4 -2.78 13.41 -6.76
C MET A 4 -3.30 12.41 -7.82
N SER A 5 -2.67 12.37 -9.01
CA SER A 5 -2.89 11.33 -10.03
C SER A 5 -2.70 9.94 -9.40
N TRP A 6 -1.58 9.73 -8.70
CA TRP A 6 -1.29 8.46 -7.96
C TRP A 6 -2.36 8.24 -6.89
N VAL A 7 -2.66 9.26 -6.08
CA VAL A 7 -3.67 9.20 -4.97
C VAL A 7 -5.01 8.71 -5.57
N GLN A 8 -5.39 9.23 -6.74
CA GLN A 8 -6.63 8.84 -7.49
C GLN A 8 -6.59 7.36 -7.86
N LEU A 9 -5.47 6.89 -8.42
CA LEU A 9 -5.27 5.47 -8.82
C LEU A 9 -5.04 4.63 -7.56
N GLY A 14 -5.15 11.77 2.38
CA GLY A 14 -4.77 12.15 3.76
C GLY A 14 -4.70 13.66 3.92
N SER A 15 -3.48 14.21 4.00
CA SER A 15 -3.21 15.65 4.23
C SER A 15 -3.06 16.37 2.89
N PHE A 16 -3.25 15.69 1.76
CA PHE A 16 -2.96 16.23 0.41
C PHE A 16 -4.25 16.39 -0.42
N LYS A 17 -4.28 17.45 -1.21
CA LYS A 17 -5.43 17.87 -2.05
C LYS A 17 -4.88 18.41 -3.36
N ALA A 18 -5.60 18.19 -4.46
CA ALA A 18 -5.26 18.68 -5.82
C ALA A 18 -5.33 20.21 -5.83
N ALA A 19 -4.33 20.85 -6.45
CA ALA A 19 -4.28 22.31 -6.69
C ALA A 19 -4.84 22.62 -8.08
N GLY A 20 -5.50 23.76 -8.25
CA GLY A 20 -6.03 24.23 -9.54
C GLY A 20 -4.90 24.54 -10.51
N THR A 21 -3.81 25.12 -9.99
CA THR A 21 -2.61 25.53 -10.77
C THR A 21 -1.81 24.28 -11.16
N SER A 22 -1.32 24.26 -12.40
CA SER A 22 -0.47 23.18 -12.95
C SER A 22 0.86 23.14 -12.18
N GLY A 23 1.32 21.94 -11.82
CA GLY A 23 2.65 21.70 -11.23
C GLY A 23 2.66 21.88 -9.73
N LEU A 24 1.50 22.11 -9.11
CA LEU A 24 1.39 22.36 -7.65
C LEU A 24 0.55 21.26 -7.00
N ILE A 25 0.64 21.19 -5.68
CA ILE A 25 -0.15 20.27 -4.82
C ILE A 25 -0.42 21.02 -3.51
N LEU A 26 -1.55 20.71 -2.86
CA LEU A 26 -1.91 21.32 -1.56
C LEU A 26 -1.65 20.32 -0.43
N LYS A 27 -1.02 20.77 0.65
CA LYS A 27 -0.85 19.97 1.89
C LYS A 27 -1.52 20.75 3.02
N ARG A 28 -2.33 20.06 3.82
CA ARG A 28 -2.97 20.62 5.04
C ARG A 28 -1.91 21.44 5.79
N CYS A 29 -2.18 22.72 6.01
CA CYS A 29 -1.29 23.66 6.73
C CYS A 29 -1.20 23.28 8.22
N SER A 30 0.02 23.18 8.72
CA SER A 30 0.40 23.00 10.15
C SER A 30 1.36 24.15 10.45
N GLU A 31 1.30 24.68 11.67
N GLU A 31 1.31 24.71 11.66
CA GLU A 31 1.99 25.92 12.10
CA GLU A 31 2.05 25.97 11.98
C GLU A 31 3.51 25.74 12.00
C GLU A 31 3.55 25.73 11.95
N PRO A 32 4.09 24.65 12.58
CA PRO A 32 5.53 24.40 12.49
C PRO A 32 5.99 24.25 11.03
N GLU A 33 5.26 23.48 10.23
CA GLU A 33 5.64 23.23 8.81
C GLU A 33 5.59 24.54 8.02
N ARG A 34 4.57 25.37 8.21
CA ARG A 34 4.48 26.65 7.48
C ARG A 34 5.68 27.53 7.83
N TYR A 35 6.01 27.63 9.11
CA TYR A 35 7.15 28.43 9.62
C TYR A 35 8.43 27.93 8.95
N CYS A 36 8.61 26.61 8.92
CA CYS A 36 9.85 25.98 8.35
C CYS A 36 9.97 26.29 6.86
N LEU A 37 8.94 26.05 6.05
CA LEU A 37 9.00 26.23 4.59
C LEU A 37 9.29 27.69 4.25
N ALA A 38 8.68 28.63 5.00
CA ALA A 38 8.93 30.07 4.81
C ALA A 38 10.43 30.36 5.01
N ARG A 39 11.04 29.88 6.09
CA ARG A 39 12.49 30.02 6.39
C ARG A 39 13.31 29.36 5.27
N LEU A 40 12.93 28.16 4.85
CA LEU A 40 13.76 27.35 3.92
C LEU A 40 13.85 28.03 2.54
N MET A 41 12.83 28.79 2.13
CA MET A 41 12.83 29.48 0.82
C MET A 41 13.96 30.52 0.77
N ALA A 42 14.45 30.95 1.93
CA ALA A 42 15.52 31.98 2.06
C ALA A 42 16.83 31.35 2.51
N ASP A 43 16.86 30.02 2.65
CA ASP A 43 18.00 29.30 3.27
C ASP A 43 18.86 28.72 2.14
N ALA A 44 20.07 28.25 2.47
CA ALA A 44 20.92 27.43 1.57
C ALA A 44 20.10 26.25 1.04
N LEU A 45 19.14 25.74 1.82
CA LEU A 45 18.39 24.50 1.49
C LEU A 45 17.22 24.78 0.54
N ARG A 46 17.05 26.01 0.08
CA ARG A 46 15.96 26.42 -0.83
C ARG A 46 15.73 25.37 -1.93
N GLY A 47 16.81 24.93 -2.61
CA GLY A 47 16.65 24.06 -3.78
C GLY A 47 16.50 22.60 -3.41
N CYS A 48 16.66 22.25 -2.13
CA CYS A 48 16.64 20.86 -1.63
C CYS A 48 15.23 20.50 -1.11
N VAL A 49 14.31 21.46 -1.13
CA VAL A 49 12.94 21.27 -0.59
C VAL A 49 11.96 21.70 -1.69
N PRO A 50 10.69 21.24 -1.66
CA PRO A 50 9.71 21.72 -2.63
C PRO A 50 9.51 23.22 -2.46
N ALA A 51 9.36 23.92 -3.57
CA ALA A 51 8.96 25.34 -3.62
C ALA A 51 7.68 25.50 -2.78
N PHE A 52 7.68 26.52 -1.93
CA PHE A 52 6.53 26.91 -1.07
C PHE A 52 6.04 28.26 -1.57
N HIS A 53 4.80 28.32 -2.06
CA HIS A 53 4.23 29.52 -2.75
C HIS A 53 3.33 30.34 -1.84
N GLY A 54 3.09 29.87 -0.60
CA GLY A 54 2.19 30.53 0.37
C GLY A 54 1.04 29.62 0.74
N VAL A 55 0.02 30.17 1.40
CA VAL A 55 -1.15 29.42 1.94
C VAL A 55 -2.39 29.83 1.13
N VAL A 56 -3.29 28.88 0.90
CA VAL A 56 -4.59 29.11 0.20
C VAL A 56 -5.69 28.48 1.06
N GLU A 57 -6.90 29.04 1.00
CA GLU A 57 -8.11 28.52 1.68
C GLU A 57 -8.92 27.67 0.68
N ARG A 58 -9.22 26.42 1.03
CA ARG A 58 -10.10 25.51 0.23
C ARG A 58 -11.08 24.81 1.19
N ASP A 59 -12.38 24.94 0.95
CA ASP A 59 -13.46 24.34 1.79
C ASP A 59 -13.24 24.79 3.25
N GLY A 60 -13.03 26.09 3.44
CA GLY A 60 -12.82 26.75 4.75
C GLY A 60 -11.69 26.11 5.54
N GLU A 61 -10.60 25.72 4.87
CA GLU A 61 -9.39 25.14 5.52
C GLU A 61 -8.13 25.65 4.81
N SER A 62 -7.03 25.78 5.56
CA SER A 62 -5.74 26.34 5.12
C SER A 62 -4.87 25.23 4.50
N TYR A 63 -4.28 25.49 3.34
CA TYR A 63 -3.36 24.53 2.66
C TYR A 63 -2.06 25.25 2.26
N LEU A 64 -0.94 24.59 2.50
CA LEU A 64 0.37 24.97 1.90
C LEU A 64 0.28 24.72 0.40
N GLN A 65 0.59 25.72 -0.42
CA GLN A 65 0.70 25.59 -1.89
C GLN A 65 2.14 25.17 -2.20
N LEU A 66 2.34 23.89 -2.55
CA LEU A 66 3.70 23.32 -2.77
C LEU A 66 3.91 22.95 -4.24
N GLN A 67 5.15 23.04 -4.68
CA GLN A 67 5.61 22.33 -5.89
C GLN A 67 5.23 20.85 -5.79
N ASP A 68 4.57 20.35 -6.83
CA ASP A 68 4.39 18.89 -7.04
C ASP A 68 5.72 18.35 -7.56
N LEU A 69 6.45 17.63 -6.72
CA LEU A 69 7.81 17.09 -7.03
C LEU A 69 7.74 16.04 -8.16
N LEU A 70 6.56 15.46 -8.44
CA LEU A 70 6.41 14.43 -9.50
C LEU A 70 6.19 15.08 -10.87
N ASP A 71 5.94 16.39 -10.94
CA ASP A 71 5.52 17.11 -12.17
C ASP A 71 6.51 16.92 -13.33
N GLY A 72 7.81 16.98 -13.10
CA GLY A 72 8.82 16.93 -14.18
C GLY A 72 9.11 15.52 -14.67
N PHE A 73 8.42 14.50 -14.17
CA PHE A 73 8.76 13.07 -14.38
C PHE A 73 7.69 12.40 -15.26
N ASP A 74 8.11 11.40 -16.03
CA ASP A 74 7.22 10.60 -16.91
C ASP A 74 7.04 9.22 -16.27
N GLY A 75 5.96 9.01 -15.53
CA GLY A 75 5.68 7.77 -14.79
C GLY A 75 6.67 7.59 -13.64
N PRO A 76 6.68 8.53 -12.66
CA PRO A 76 7.62 8.48 -11.56
C PRO A 76 7.51 7.24 -10.66
N CYS A 77 8.67 6.69 -10.29
CA CYS A 77 8.94 5.79 -9.17
C CYS A 77 9.32 6.67 -7.97
N VAL A 78 8.77 6.41 -6.78
CA VAL A 78 9.00 7.26 -5.58
C VAL A 78 9.40 6.38 -4.41
N LEU A 79 10.42 6.77 -3.68
CA LEU A 79 10.78 6.11 -2.40
C LEU A 79 10.85 7.19 -1.32
N ASP A 80 10.18 6.96 -0.18
CA ASP A 80 10.17 7.89 0.98
C ASP A 80 11.07 7.26 2.04
N CYS A 81 12.18 7.94 2.37
N CYS A 81 12.08 8.02 2.46
CA CYS A 81 13.13 7.59 3.46
CA CYS A 81 13.10 7.61 3.44
C CYS A 81 12.88 8.52 4.65
C CYS A 81 12.99 8.49 4.68
N LYS A 82 12.45 7.98 5.80
CA LYS A 82 12.33 8.76 7.06
C LYS A 82 13.72 8.95 7.67
N MET A 83 14.14 10.20 7.89
CA MET A 83 15.51 10.54 8.34
C MET A 83 15.54 10.79 9.85
N GLY A 84 16.54 10.22 10.50
CA GLY A 84 16.87 10.51 11.91
C GLY A 84 16.88 9.25 12.73
N VAL A 85 17.59 9.27 13.85
CA VAL A 85 17.59 8.13 14.81
C VAL A 85 16.35 8.20 15.69
N ARG A 86 15.72 9.36 15.79
CA ARG A 86 14.51 9.57 16.64
C ARG A 86 13.42 10.15 15.75
N THR A 87 12.17 9.70 15.92
CA THR A 87 11.03 9.96 15.02
C THR A 87 9.87 10.65 15.76
N TYR A 88 10.10 11.08 17.00
CA TYR A 88 9.12 11.81 17.84
C TYR A 88 9.83 12.94 18.62
N LEU A 89 9.08 13.95 19.01
CA LEU A 89 9.57 15.11 19.81
C LEU A 89 9.83 14.66 21.24
N GLU A 90 10.85 15.22 21.88
CA GLU A 90 11.16 14.96 23.32
C GLU A 90 9.95 15.27 24.20
N GLU A 91 9.07 16.20 23.81
CA GLU A 91 7.87 16.60 24.62
C GLU A 91 6.92 15.41 24.76
N GLU A 92 6.92 14.47 23.80
CA GLU A 92 6.10 13.23 23.86
C GLU A 92 6.53 12.39 25.08
N LEU A 93 7.81 12.44 25.45
CA LEU A 93 8.36 11.66 26.60
C LEU A 93 7.80 12.23 27.91
N THR A 94 7.78 13.56 28.04
CA THR A 94 7.21 14.30 29.19
C THR A 94 5.70 14.01 29.28
N LYS A 95 4.99 14.10 28.17
CA LYS A 95 3.52 13.87 28.11
C LYS A 95 3.19 12.46 28.58
N ALA A 96 3.96 11.45 28.16
CA ALA A 96 3.71 10.02 28.49
C ALA A 96 4.03 9.74 29.97
N ARG A 97 4.84 10.57 30.61
CA ARG A 97 5.20 10.42 32.05
C ARG A 97 4.11 11.04 32.91
N GLU A 98 3.74 12.28 32.61
CA GLU A 98 2.85 13.14 33.44
C GLU A 98 1.39 12.76 33.19
N ARG A 99 1.07 12.20 32.02
CA ARG A 99 -0.33 12.07 31.54
C ARG A 99 -0.40 11.21 30.28
N PRO A 100 -0.06 9.90 30.35
CA PRO A 100 -0.02 9.06 29.16
C PRO A 100 -1.41 8.84 28.54
N LYS A 101 -1.53 9.04 27.23
CA LYS A 101 -2.68 8.60 26.40
C LYS A 101 -2.37 7.20 25.85
N LEU A 102 -3.02 6.17 26.39
CA LEU A 102 -2.79 4.77 25.99
C LEU A 102 -3.35 4.58 24.56
N ARG A 103 -2.56 3.96 23.68
CA ARG A 103 -2.86 3.84 22.23
C ARG A 103 -3.08 2.37 21.89
N LYS A 104 -4.33 1.98 21.58
CA LYS A 104 -4.69 0.56 21.36
C LYS A 104 -4.23 0.14 19.96
N ASP A 105 -4.39 1.05 18.98
CA ASP A 105 -3.86 0.91 17.60
C ASP A 105 -2.39 0.47 17.64
N MET A 106 -1.55 1.19 18.39
CA MET A 106 -0.08 1.00 18.40
C MET A 106 0.25 -0.34 19.05
N TYR A 107 -0.53 -0.77 20.06
CA TYR A 107 -0.38 -2.11 20.69
C TYR A 107 -0.56 -3.18 19.62
N LYS A 108 -1.57 -3.04 18.76
CA LYS A 108 -1.96 -4.07 17.75
C LYS A 108 -0.82 -4.28 16.75
N LYS A 109 -0.32 -3.18 16.17
CA LYS A 109 0.76 -3.18 15.15
C LYS A 109 2.02 -3.79 15.76
N MET A 110 2.32 -3.44 17.01
CA MET A 110 3.48 -3.99 17.74
C MET A 110 3.33 -5.50 17.89
N LEU A 111 2.13 -5.95 18.29
CA LEU A 111 1.82 -7.37 18.60
C LEU A 111 2.00 -8.23 17.34
N ALA A 112 1.47 -7.73 16.21
CA ALA A 112 1.56 -8.34 14.87
C ALA A 112 3.03 -8.68 14.53
N VAL A 113 3.95 -7.74 14.73
CA VAL A 113 5.38 -7.90 14.33
C VAL A 113 6.06 -8.84 15.33
N ASP A 114 5.95 -8.55 16.63
CA ASP A 114 6.62 -9.33 17.70
C ASP A 114 5.63 -9.55 18.85
N PRO A 115 5.13 -10.78 19.04
CA PRO A 115 4.18 -11.06 20.12
C PRO A 115 4.79 -10.87 21.51
N GLU A 116 6.12 -11.03 21.65
CA GLU A 116 6.85 -10.94 22.95
C GLU A 116 7.36 -9.51 23.21
N ALA A 117 7.11 -8.56 22.30
CA ALA A 117 7.61 -7.16 22.41
C ALA A 117 6.88 -6.43 23.55
N PRO A 118 5.52 -6.46 23.57
CA PRO A 118 4.77 -5.78 24.63
C PRO A 118 5.05 -6.43 25.99
N THR A 119 5.06 -5.59 27.03
CA THR A 119 5.25 -6.00 28.44
C THR A 119 3.98 -6.68 28.96
N GLU A 120 4.05 -7.35 30.11
CA GLU A 120 2.87 -7.94 30.78
C GLU A 120 1.79 -6.86 30.94
N GLU A 121 2.17 -5.64 31.32
CA GLU A 121 1.20 -4.55 31.62
C GLU A 121 0.62 -4.00 30.32
N GLU A 122 1.42 -3.89 29.25
CA GLU A 122 0.90 -3.43 27.94
C GLU A 122 -0.13 -4.46 27.42
N HIS A 123 0.19 -5.75 27.50
CA HIS A 123 -0.74 -6.85 27.12
C HIS A 123 -2.06 -6.70 27.88
N ALA A 124 -1.99 -6.46 29.20
CA ALA A 124 -3.16 -6.25 30.09
C ALA A 124 -3.94 -4.99 29.69
N GLN A 125 -3.24 -3.92 29.33
CA GLN A 125 -3.82 -2.63 28.87
C GLN A 125 -4.38 -2.77 27.44
N ARG A 126 -3.87 -3.72 26.65
CA ARG A 126 -4.06 -3.75 25.18
C ARG A 126 -3.74 -2.37 24.61
N ALA A 127 -2.66 -1.73 25.09
CA ALA A 127 -2.32 -0.33 24.73
C ALA A 127 -0.88 0.01 25.14
N VAL A 128 -0.26 0.92 24.39
CA VAL A 128 1.12 1.42 24.65
C VAL A 128 1.12 2.94 24.51
N THR A 129 2.14 3.60 25.05
CA THR A 129 2.34 5.06 24.88
C THR A 129 2.90 5.26 23.46
N LYS A 130 2.78 6.47 22.93
CA LYS A 130 3.31 6.83 21.60
C LYS A 130 4.83 6.65 21.58
N PRO A 131 5.60 7.26 22.52
CA PRO A 131 7.06 7.13 22.50
C PRO A 131 7.54 5.68 22.55
N ARG A 132 6.87 4.83 23.34
CA ARG A 132 7.19 3.39 23.43
C ARG A 132 7.03 2.76 22.04
N TYR A 133 5.89 3.01 21.40
CA TYR A 133 5.57 2.51 20.03
C TYR A 133 6.65 3.01 19.05
N MET A 134 6.91 4.32 19.05
CA MET A 134 7.85 4.93 18.07
C MET A 134 9.29 4.45 18.33
N GLN A 135 9.72 4.28 19.59
CA GLN A 135 11.07 3.72 19.91
C GLN A 135 11.15 2.26 19.44
N TRP A 136 10.10 1.49 19.64
CA TRP A 136 10.07 0.08 19.19
C TRP A 136 10.22 0.03 17.65
N ARG A 137 9.45 0.85 16.94
CA ARG A 137 9.50 1.01 15.45
C ARG A 137 10.93 1.35 15.02
N GLU A 138 11.61 2.23 15.76
CA GLU A 138 12.99 2.65 15.43
C GLU A 138 13.94 1.44 15.49
N GLY A 139 13.73 0.53 16.46
CA GLY A 139 14.70 -0.54 16.77
C GLY A 139 14.56 -1.76 15.88
N ILE A 140 13.37 -2.03 15.35
CA ILE A 140 13.11 -3.21 14.47
C ILE A 140 13.35 -2.81 13.00
N SER A 141 13.30 -1.51 12.70
CA SER A 141 13.75 -0.92 11.41
C SER A 141 15.20 -0.46 11.53
N SER A 142 15.71 0.23 10.51
CA SER A 142 17.11 0.70 10.46
C SER A 142 17.29 2.01 11.23
N SER A 143 16.21 2.62 11.77
CA SER A 143 16.27 4.00 12.33
C SER A 143 17.35 4.10 13.41
N THR A 144 17.29 3.25 14.45
CA THR A 144 18.20 3.37 15.62
C THR A 144 19.67 3.20 15.20
N THR A 145 19.98 2.19 14.38
CA THR A 145 21.37 1.77 14.06
C THR A 145 21.95 2.62 12.91
N LEU A 146 21.16 2.90 11.88
CA LEU A 146 21.63 3.58 10.63
C LEU A 146 21.16 5.03 10.54
N GLY A 147 20.13 5.42 11.30
CA GLY A 147 19.67 6.82 11.36
C GLY A 147 18.73 7.19 10.22
N PHE A 148 18.13 6.19 9.56
CA PHE A 148 17.08 6.41 8.56
C PHE A 148 16.32 5.09 8.38
N ARG A 149 15.18 5.15 7.70
CA ARG A 149 14.47 3.92 7.32
C ARG A 149 13.64 4.18 6.08
N ILE A 150 13.50 3.15 5.27
CA ILE A 150 12.60 3.16 4.11
C ILE A 150 11.17 2.99 4.64
N GLU A 151 10.28 3.89 4.27
CA GLU A 151 8.86 3.85 4.70
C GLU A 151 7.96 3.31 3.59
N GLY A 152 8.25 3.60 2.32
CA GLY A 152 7.30 3.29 1.26
C GLY A 152 7.91 3.42 -0.12
N ILE A 153 7.39 2.66 -1.07
CA ILE A 153 7.72 2.82 -2.51
C ILE A 153 6.42 2.90 -3.30
N LYS A 154 6.40 3.77 -4.32
CA LYS A 154 5.31 3.86 -5.33
C LYS A 154 5.98 3.65 -6.68
N LYS A 155 5.61 2.60 -7.44
CA LYS A 155 6.31 2.21 -8.69
C LYS A 155 5.57 2.77 -9.90
N ALA A 156 6.24 2.79 -11.06
CA ALA A 156 5.71 3.25 -12.37
C ALA A 156 4.56 2.36 -12.84
N ASP A 157 4.50 1.10 -12.39
CA ASP A 157 3.43 0.11 -12.76
C ASP A 157 2.16 0.36 -11.94
N GLY A 158 2.14 1.35 -11.04
CA GLY A 158 0.97 1.74 -10.23
C GLY A 158 0.99 1.07 -8.87
N SER A 159 1.86 0.06 -8.70
CA SER A 159 2.02 -0.71 -7.45
C SER A 159 2.66 0.17 -6.38
N CYS A 160 2.26 -0.01 -5.12
CA CYS A 160 2.85 0.65 -3.92
C CYS A 160 3.06 -0.38 -2.81
N SER A 161 4.02 -0.11 -1.93
CA SER A 161 4.34 -0.98 -0.77
C SER A 161 4.80 -0.13 0.42
N THR A 162 4.32 -0.49 1.62
CA THR A 162 4.81 0.04 2.92
C THR A 162 5.39 -1.10 3.75
N ASP A 163 5.67 -2.26 3.14
CA ASP A 163 6.09 -3.49 3.86
C ASP A 163 7.59 -3.46 4.21
N PHE A 164 8.02 -2.52 5.06
CA PHE A 164 9.45 -2.30 5.41
C PHE A 164 9.71 -2.12 6.92
N LYS A 165 8.77 -2.54 7.78
N LYS A 165 8.77 -2.53 7.77
CA LYS A 165 8.87 -2.30 9.25
CA LYS A 165 8.86 -2.31 9.25
C LYS A 165 10.05 -3.09 9.84
C LYS A 165 10.08 -3.06 9.82
N THR A 166 10.46 -4.20 9.22
CA THR A 166 11.59 -5.04 9.69
C THR A 166 12.79 -4.97 8.74
N THR A 167 12.83 -3.98 7.86
CA THR A 167 14.01 -3.68 7.02
C THR A 167 15.02 -2.96 7.91
N ARG A 168 16.11 -3.60 8.30
CA ARG A 168 16.99 -3.08 9.38
C ARG A 168 18.47 -3.13 8.99
N SER A 169 18.96 -4.25 8.48
CA SER A 169 20.41 -4.42 8.20
C SER A 169 20.80 -3.55 7.00
N ARG A 170 22.06 -3.14 6.96
CA ARG A 170 22.63 -2.38 5.82
C ARG A 170 22.29 -3.12 4.51
N GLU A 171 22.48 -4.44 4.48
CA GLU A 171 22.30 -5.26 3.26
C GLU A 171 20.81 -5.33 2.88
N GLN A 172 19.91 -5.46 3.85
CA GLN A 172 18.43 -5.37 3.62
C GLN A 172 18.08 -4.03 2.96
N VAL A 173 18.62 -2.92 3.48
CA VAL A 173 18.33 -1.57 2.93
C VAL A 173 18.87 -1.50 1.49
N LEU A 174 20.12 -1.92 1.28
CA LEU A 174 20.74 -1.93 -0.08
C LEU A 174 19.84 -2.69 -1.05
N ARG A 175 19.33 -3.86 -0.66
CA ARG A 175 18.48 -4.70 -1.55
C ARG A 175 17.17 -3.98 -1.92
N VAL A 176 16.60 -3.16 -1.05
CA VAL A 176 15.40 -2.36 -1.39
C VAL A 176 15.77 -1.32 -2.46
N PHE A 177 16.89 -0.61 -2.29
CA PHE A 177 17.32 0.41 -3.28
C PHE A 177 17.68 -0.27 -4.61
N GLU A 178 18.34 -1.42 -4.54
CA GLU A 178 18.70 -2.25 -5.72
C GLU A 178 17.43 -2.54 -6.54
N GLU A 179 16.37 -3.01 -5.88
CA GLU A 179 15.08 -3.30 -6.56
C GLU A 179 14.46 -1.98 -7.07
N PHE A 180 14.56 -0.91 -6.30
CA PHE A 180 13.93 0.39 -6.65
C PHE A 180 14.55 0.95 -7.93
N VAL A 181 15.87 0.89 -8.10
CA VAL A 181 16.53 1.55 -9.27
C VAL A 181 16.59 0.58 -10.46
N GLN A 182 16.33 -0.73 -10.26
CA GLN A 182 16.18 -1.71 -11.37
C GLN A 182 17.38 -1.63 -12.32
N GLY A 183 18.59 -1.55 -11.77
CA GLY A 183 19.87 -1.56 -12.51
C GLY A 183 20.06 -0.35 -13.41
N ASP A 184 19.32 0.74 -13.22
CA ASP A 184 19.54 2.01 -13.97
C ASP A 184 20.76 2.73 -13.37
N GLU A 185 21.94 2.59 -13.97
CA GLU A 185 23.21 3.17 -13.43
C GLU A 185 23.12 4.70 -13.43
N GLU A 186 22.43 5.29 -14.40
CA GLU A 186 22.33 6.77 -14.55
C GLU A 186 21.49 7.32 -13.40
N VAL A 187 20.36 6.69 -13.09
CA VAL A 187 19.50 7.11 -11.94
C VAL A 187 20.31 7.03 -10.65
N LEU A 188 21.02 5.92 -10.41
CA LEU A 188 21.79 5.75 -9.16
C LEU A 188 22.89 6.83 -9.07
N ARG A 189 23.56 7.10 -10.18
CA ARG A 189 24.66 8.09 -10.21
C ARG A 189 24.08 9.47 -9.87
N ARG A 190 22.95 9.82 -10.47
CA ARG A 190 22.24 11.10 -10.24
C ARG A 190 21.75 11.20 -8.78
N TYR A 191 21.15 10.14 -8.24
CA TYR A 191 20.78 10.10 -6.81
C TYR A 191 22.01 10.41 -5.95
N LEU A 192 23.13 9.74 -6.23
CA LEU A 192 24.33 9.90 -5.37
C LEU A 192 24.86 11.33 -5.49
N ASN A 193 24.87 11.88 -6.70
CA ASN A 193 25.33 13.29 -6.89
C ASN A 193 24.42 14.23 -6.12
N ARG A 194 23.12 13.99 -6.13
CA ARG A 194 22.15 14.86 -5.43
C ARG A 194 22.33 14.71 -3.92
N LEU A 195 22.51 13.48 -3.40
CA LEU A 195 22.69 13.29 -1.95
C LEU A 195 23.98 13.95 -1.48
N GLN A 196 25.06 13.87 -2.26
CA GLN A 196 26.36 14.51 -1.91
C GLN A 196 26.12 16.02 -1.82
N GLN A 197 25.40 16.59 -2.79
CA GLN A 197 25.14 18.05 -2.83
C GLN A 197 24.19 18.45 -1.68
N ILE A 198 23.17 17.66 -1.36
CA ILE A 198 22.29 17.92 -0.19
C ILE A 198 23.12 17.88 1.11
N ARG A 199 24.00 16.89 1.28
CA ARG A 199 24.82 16.79 2.50
C ARG A 199 25.63 18.09 2.66
N ASP A 200 26.30 18.51 1.59
CA ASP A 200 27.11 19.76 1.60
C ASP A 200 26.20 20.96 1.98
N THR A 201 24.98 21.01 1.48
CA THR A 201 24.05 22.14 1.74
C THR A 201 23.61 22.11 3.20
N LEU A 202 23.28 20.93 3.72
CA LEU A 202 22.89 20.76 5.14
C LEU A 202 24.04 21.21 6.05
N GLU A 203 25.28 20.92 5.69
CA GLU A 203 26.44 21.16 6.58
C GLU A 203 26.72 22.67 6.64
N VAL A 204 26.22 23.46 5.71
CA VAL A 204 26.44 24.94 5.72
C VAL A 204 25.17 25.72 6.03
N SER A 205 24.01 25.06 6.04
CA SER A 205 22.67 25.68 6.22
C SER A 205 22.52 26.34 7.60
N GLU A 206 22.16 27.61 7.63
CA GLU A 206 21.80 28.37 8.86
C GLU A 206 20.56 27.72 9.49
N PHE A 207 19.55 27.42 8.67
CA PHE A 207 18.33 26.72 9.14
C PHE A 207 18.73 25.42 9.85
N PHE A 208 19.53 24.57 9.20
CA PHE A 208 19.78 23.19 9.67
C PHE A 208 20.53 23.21 11.02
N ARG A 209 21.51 24.10 11.19
CA ARG A 209 22.33 24.10 12.44
C ARG A 209 21.46 24.56 13.62
N ARG A 210 20.36 25.30 13.37
CA ARG A 210 19.52 25.94 14.42
C ARG A 210 18.20 25.20 14.61
N HIS A 211 17.97 24.07 13.95
CA HIS A 211 16.67 23.35 14.02
C HIS A 211 16.89 21.86 14.32
N GLU A 212 16.03 21.33 15.17
CA GLU A 212 15.86 19.89 15.44
C GLU A 212 14.94 19.35 14.34
N VAL A 213 15.46 18.48 13.48
CA VAL A 213 14.72 18.02 12.27
C VAL A 213 14.25 16.59 12.52
N ILE A 214 13.00 16.47 12.96
CA ILE A 214 12.40 15.18 13.40
C ILE A 214 11.23 14.85 12.48
N GLY A 215 11.20 13.61 11.99
CA GLY A 215 10.06 13.08 11.24
C GLY A 215 10.06 13.55 9.79
N SER A 216 11.14 14.17 9.30
CA SER A 216 11.24 14.58 7.88
C SER A 216 11.68 13.36 7.05
N SER A 217 11.42 13.41 5.75
CA SER A 217 11.81 12.35 4.79
C SER A 217 12.67 12.95 3.68
N LEU A 218 13.47 12.08 3.07
CA LEU A 218 14.06 12.29 1.74
C LEU A 218 13.17 11.53 0.76
N LEU A 219 12.62 12.27 -0.20
CA LEU A 219 11.78 11.72 -1.29
C LEU A 219 12.66 11.52 -2.54
N PHE A 220 12.90 10.26 -2.90
CA PHE A 220 13.62 9.85 -4.13
C PHE A 220 12.58 9.69 -5.23
N VAL A 221 12.82 10.34 -6.36
CA VAL A 221 11.90 10.30 -7.53
C VAL A 221 12.73 10.03 -8.78
N HIS A 222 12.36 9.02 -9.58
CA HIS A 222 13.04 8.78 -10.88
C HIS A 222 12.02 8.25 -11.88
N ASP A 223 12.38 8.28 -13.16
CA ASP A 223 11.51 7.77 -14.24
C ASP A 223 12.34 6.97 -15.25
N HIS A 224 11.67 6.40 -16.25
CA HIS A 224 12.28 5.49 -17.25
C HIS A 224 13.18 6.30 -18.19
N CYS A 225 12.99 7.62 -18.24
CA CYS A 225 13.85 8.58 -18.98
C CYS A 225 15.14 8.88 -18.22
N HIS A 226 15.34 8.25 -17.05
CA HIS A 226 16.55 8.36 -16.19
C HIS A 226 16.61 9.71 -15.48
N ARG A 227 15.52 10.50 -15.46
CA ARG A 227 15.45 11.70 -14.61
C ARG A 227 15.44 11.22 -13.16
N ALA A 228 16.15 11.90 -12.27
CA ALA A 228 16.26 11.49 -10.85
C ALA A 228 16.43 12.74 -9.99
N GLY A 229 15.64 12.80 -8.93
CA GLY A 229 15.62 13.94 -7.98
C GLY A 229 15.46 13.44 -6.56
N VAL A 230 15.94 14.23 -5.61
CA VAL A 230 15.78 13.93 -4.16
C VAL A 230 15.44 15.26 -3.49
N TRP A 231 14.44 15.28 -2.64
CA TRP A 231 14.11 16.50 -1.86
C TRP A 231 13.84 16.12 -0.41
N LEU A 232 14.08 17.04 0.51
CA LEU A 232 13.61 16.93 1.91
C LEU A 232 12.14 17.34 1.93
N ILE A 233 11.31 16.58 2.63
CA ILE A 233 9.88 16.94 2.83
C ILE A 233 9.51 16.69 4.31
N ASP A 234 8.39 17.29 4.71
CA ASP A 234 7.67 17.02 5.98
C ASP A 234 8.41 17.69 7.14
N PHE A 235 8.11 18.96 7.35
CA PHE A 235 8.73 19.79 8.42
C PHE A 235 7.72 20.01 9.54
N GLY A 236 6.75 19.10 9.69
CA GLY A 236 5.69 19.18 10.71
C GLY A 236 6.21 19.05 12.13
N LYS A 237 7.40 18.49 12.33
CA LYS A 237 8.01 18.30 13.68
C LYS A 237 9.42 18.88 13.70
N THR A 238 9.71 19.86 12.85
CA THR A 238 11.01 20.56 12.81
C THR A 238 10.86 21.85 13.62
N THR A 239 11.66 22.01 14.68
CA THR A 239 11.49 23.10 15.69
C THR A 239 12.82 23.79 15.95
N PRO A 240 12.81 25.12 16.13
CA PRO A 240 14.04 25.86 16.42
C PRO A 240 14.60 25.53 17.82
N LEU A 241 15.92 25.49 17.94
CA LEU A 241 16.62 25.38 19.25
C LEU A 241 16.47 26.73 19.96
N PRO A 242 16.33 26.74 21.30
CA PRO A 242 16.16 27.98 22.04
C PRO A 242 17.50 28.72 22.15
N ASP A 243 17.46 30.03 22.35
CA ASP A 243 18.60 30.85 22.85
C ASP A 243 19.85 30.58 22.01
N GLY A 244 19.75 30.67 20.68
CA GLY A 244 20.89 30.51 19.74
C GLY A 244 21.77 29.32 20.09
N GLN A 245 21.16 28.14 20.27
CA GLN A 245 21.83 26.83 20.56
C GLN A 245 21.83 26.03 19.24
N ILE A 246 22.81 25.15 19.00
CA ILE A 246 22.94 24.41 17.70
C ILE A 246 23.08 22.90 17.97
N LEU A 247 22.78 22.07 16.96
CA LEU A 247 23.03 20.61 16.96
C LEU A 247 24.17 20.27 15.98
N ASP A 248 24.87 19.16 16.21
CA ASP A 248 25.87 18.58 15.26
C ASP A 248 25.17 17.57 14.32
N HIS A 249 24.00 17.05 14.69
CA HIS A 249 23.15 16.16 13.83
C HIS A 249 23.83 14.81 13.59
N ARG A 250 24.91 14.46 14.30
CA ARG A 250 25.58 13.15 14.17
C ARG A 250 25.62 12.43 15.52
N ARG A 251 25.81 13.15 16.63
CA ARG A 251 26.05 12.53 17.95
C ARG A 251 24.77 11.85 18.40
N PRO A 252 24.87 10.78 19.24
CA PRO A 252 23.70 10.05 19.69
C PRO A 252 22.70 10.94 20.43
N TRP A 253 21.41 10.61 20.29
CA TRP A 253 20.33 11.30 21.02
C TRP A 253 20.33 10.82 22.47
N GLU A 254 20.30 11.77 23.40
CA GLU A 254 20.04 11.56 24.85
C GLU A 254 19.00 12.61 25.27
N GLU A 255 17.90 12.18 25.89
CA GLU A 255 16.79 13.08 26.28
C GLU A 255 17.39 14.35 26.91
N GLY A 256 17.04 15.52 26.36
CA GLY A 256 17.58 16.83 26.78
C GLY A 256 18.44 17.48 25.70
N ASN A 257 19.17 16.68 24.90
CA ASN A 257 20.18 17.22 23.94
C ASN A 257 19.54 17.49 22.56
N ARG A 258 18.31 17.00 22.32
CA ARG A 258 17.48 17.35 21.13
C ARG A 258 18.13 16.86 19.84
N GLU A 259 19.13 15.98 19.93
CA GLU A 259 19.88 15.49 18.74
C GLU A 259 18.95 14.57 17.93
N ASP A 260 19.06 14.63 16.60
CA ASP A 260 18.15 13.92 15.66
C ASP A 260 18.91 12.83 14.88
N GLY A 261 20.24 12.83 14.89
CA GLY A 261 21.04 11.89 14.08
C GLY A 261 20.79 12.05 12.57
N TYR A 262 20.30 13.20 12.11
CA TYR A 262 19.92 13.39 10.69
C TYR A 262 21.12 13.05 9.80
N LEU A 263 22.31 13.57 10.12
CA LEU A 263 23.48 13.43 9.23
C LEU A 263 24.14 12.07 9.41
N LEU A 264 23.98 11.43 10.57
CA LEU A 264 24.37 10.01 10.72
C LEU A 264 23.59 9.18 9.69
N GLY A 265 22.28 9.38 9.58
CA GLY A 265 21.43 8.74 8.57
C GLY A 265 21.89 9.06 7.16
N LEU A 266 22.09 10.32 6.85
CA LEU A 266 22.44 10.73 5.46
C LEU A 266 23.80 10.13 5.10
N ASP A 267 24.75 10.14 6.03
CA ASP A 267 26.10 9.54 5.82
C ASP A 267 25.91 8.07 5.48
N ASN A 268 25.08 7.35 6.25
CA ASN A 268 24.89 5.88 6.07
C ASN A 268 24.21 5.63 4.73
N LEU A 269 23.19 6.43 4.42
CA LEU A 269 22.43 6.35 3.15
C LEU A 269 23.35 6.53 1.95
N ILE A 270 24.20 7.55 1.97
CA ILE A 270 25.18 7.78 0.87
C ILE A 270 26.09 6.55 0.77
N GLY A 271 26.53 6.00 1.90
CA GLY A 271 27.47 4.86 1.94
C GLY A 271 26.87 3.63 1.30
N ILE A 272 25.58 3.42 1.52
CA ILE A 272 24.82 2.25 1.00
C ILE A 272 24.65 2.42 -0.51
N LEU A 273 24.27 3.61 -0.96
CA LEU A 273 24.09 3.88 -2.41
C LEU A 273 25.44 3.82 -3.12
N ALA A 274 26.52 4.30 -2.50
CA ALA A 274 27.88 4.21 -3.07
C ALA A 274 28.28 2.74 -3.19
N SER A 275 27.96 1.91 -2.19
CA SER A 275 28.21 0.44 -2.18
C SER A 275 27.43 -0.23 -3.32
N LEU A 276 26.14 0.08 -3.43
CA LEU A 276 25.28 -0.48 -4.49
C LEU A 276 25.88 -0.14 -5.86
N ALA A 277 26.38 1.09 -6.04
CA ALA A 277 26.90 1.59 -7.33
C ALA A 277 28.12 0.76 -7.76
N GLU A 278 28.84 0.15 -6.82
CA GLU A 278 30.07 -0.65 -7.10
C GLU A 278 29.74 -2.14 -7.23
N ARG A 279 28.46 -2.54 -7.08
CA ARG A 279 28.03 -3.97 -7.17
C ARG A 279 27.87 -4.36 -8.64
N GLY B 1 -10.53 -6.95 12.62
CA GLY B 1 -11.78 -6.47 13.26
C GLY B 1 -12.66 -5.73 12.28
N SER B 2 -12.10 -4.79 11.52
CA SER B 2 -12.87 -3.88 10.62
C SER B 2 -12.00 -3.48 9.42
N HIS B 3 -12.56 -3.45 8.21
CA HIS B 3 -11.86 -2.94 7.01
C HIS B 3 -11.58 -1.45 7.18
N MET B 4 -12.62 -0.65 7.43
CA MET B 4 -12.57 0.84 7.52
C MET B 4 -11.49 1.27 8.52
N SER B 5 -11.27 0.49 9.58
CA SER B 5 -10.13 0.69 10.53
C SER B 5 -8.81 0.77 9.74
N TRP B 6 -8.58 -0.20 8.83
CA TRP B 6 -7.45 -0.15 7.85
C TRP B 6 -7.65 1.06 6.92
N GLY B 14 -13.61 5.53 -1.35
CA GLY B 14 -14.37 5.82 -2.59
C GLY B 14 -15.48 4.82 -2.81
N SER B 15 -15.17 3.53 -2.74
CA SER B 15 -16.11 2.39 -2.96
C SER B 15 -16.79 2.00 -1.63
N PHE B 16 -16.05 2.01 -0.52
CA PHE B 16 -16.50 1.51 0.80
C PHE B 16 -16.71 2.69 1.78
N LYS B 17 -17.80 2.63 2.53
CA LYS B 17 -18.17 3.57 3.63
C LYS B 17 -18.38 2.77 4.92
N ALA B 18 -18.14 3.38 6.07
CA ALA B 18 -18.45 2.80 7.40
C ALA B 18 -19.97 2.61 7.50
N ALA B 19 -20.39 1.48 8.06
CA ALA B 19 -21.80 1.20 8.41
C ALA B 19 -22.01 1.63 9.88
N GLY B 20 -23.21 2.09 10.22
CA GLY B 20 -23.62 2.38 11.60
C GLY B 20 -23.64 1.11 12.44
N THR B 21 -24.09 0.01 11.85
CA THR B 21 -24.26 -1.32 12.50
C THR B 21 -22.87 -1.97 12.67
N SER B 22 -22.61 -2.49 13.86
CA SER B 22 -21.39 -3.27 14.18
C SER B 22 -21.35 -4.52 13.29
N GLY B 23 -20.17 -4.83 12.73
CA GLY B 23 -19.92 -6.02 11.90
C GLY B 23 -20.34 -5.85 10.45
N LEU B 24 -20.83 -4.68 10.06
CA LEU B 24 -21.27 -4.42 8.67
C LEU B 24 -20.31 -3.41 8.01
N ILE B 25 -20.43 -3.28 6.70
CA ILE B 25 -19.66 -2.32 5.86
C ILE B 25 -20.53 -2.02 4.66
N LEU B 26 -20.42 -0.80 4.13
CA LEU B 26 -21.21 -0.34 2.98
C LEU B 26 -20.30 -0.31 1.75
N LYS B 27 -20.80 -0.81 0.63
CA LYS B 27 -20.12 -0.74 -0.68
C LYS B 27 -21.06 -0.03 -1.66
N ARG B 28 -20.55 1.00 -2.32
CA ARG B 28 -21.23 1.70 -3.44
C ARG B 28 -21.98 0.65 -4.28
N CYS B 29 -23.29 0.79 -4.37
CA CYS B 29 -24.20 -0.15 -5.08
C CYS B 29 -24.00 0.01 -6.59
N SER B 30 -24.05 -1.13 -7.30
CA SER B 30 -24.09 -1.25 -8.78
C SER B 30 -25.04 -2.41 -9.10
N GLU B 31 -25.85 -2.27 -10.15
CA GLU B 31 -27.00 -3.17 -10.42
C GLU B 31 -26.52 -4.60 -10.61
N PRO B 32 -25.39 -4.86 -11.34
CA PRO B 32 -24.91 -6.22 -11.54
C PRO B 32 -24.54 -6.87 -10.20
N GLU B 33 -23.80 -6.16 -9.35
CA GLU B 33 -23.34 -6.68 -8.03
C GLU B 33 -24.55 -6.94 -7.12
N ARG B 34 -25.53 -6.03 -7.10
CA ARG B 34 -26.77 -6.20 -6.28
C ARG B 34 -27.52 -7.43 -6.77
N TYR B 35 -27.69 -7.56 -8.07
CA TYR B 35 -28.37 -8.71 -8.72
C TYR B 35 -27.71 -10.00 -8.23
N CYS B 36 -26.37 -10.05 -8.29
CA CYS B 36 -25.58 -11.28 -7.96
C CYS B 36 -25.75 -11.62 -6.48
N LEU B 37 -25.54 -10.65 -5.59
CA LEU B 37 -25.53 -10.89 -4.13
C LEU B 37 -26.93 -11.35 -3.69
N ALA B 38 -27.99 -10.82 -4.32
CA ALA B 38 -29.37 -11.25 -4.05
C ALA B 38 -29.52 -12.74 -4.38
N ARG B 39 -29.05 -13.14 -5.57
CA ARG B 39 -29.04 -14.56 -6.03
C ARG B 39 -28.18 -15.40 -5.08
N LEU B 40 -27.02 -14.90 -4.67
CA LEU B 40 -26.03 -15.71 -3.90
C LEU B 40 -26.58 -16.04 -2.51
N MET B 41 -27.45 -15.20 -1.94
CA MET B 41 -28.00 -15.45 -0.58
C MET B 41 -28.93 -16.67 -0.61
N ALA B 42 -29.45 -17.03 -1.78
CA ALA B 42 -30.36 -18.18 -1.98
C ALA B 42 -29.66 -19.34 -2.70
N ASP B 43 -28.33 -19.31 -2.79
CA ASP B 43 -27.56 -20.29 -3.58
C ASP B 43 -26.68 -21.14 -2.65
N ALA B 44 -26.22 -22.29 -3.14
CA ALA B 44 -25.19 -23.12 -2.48
C ALA B 44 -24.03 -22.25 -1.99
N LEU B 45 -23.67 -21.19 -2.73
CA LEU B 45 -22.49 -20.33 -2.39
C LEU B 45 -22.78 -19.33 -1.26
N ARG B 46 -23.98 -19.35 -0.67
CA ARG B 46 -24.37 -18.38 0.38
C ARG B 46 -23.25 -18.21 1.43
N GLY B 47 -22.67 -19.31 1.92
CA GLY B 47 -21.68 -19.31 3.00
C GLY B 47 -20.29 -18.88 2.53
N CYS B 48 -20.10 -18.79 1.23
CA CYS B 48 -18.77 -18.55 0.58
C CYS B 48 -18.65 -17.08 0.18
N VAL B 49 -19.67 -16.28 0.45
CA VAL B 49 -19.70 -14.84 0.06
C VAL B 49 -20.13 -14.02 1.27
N PRO B 50 -19.80 -12.70 1.32
CA PRO B 50 -20.23 -11.86 2.44
C PRO B 50 -21.76 -11.81 2.49
N ALA B 51 -22.33 -11.89 3.69
CA ALA B 51 -23.77 -11.66 3.90
C ALA B 51 -24.16 -10.34 3.23
N PHE B 52 -25.23 -10.36 2.43
CA PHE B 52 -25.84 -9.16 1.81
C PHE B 52 -27.21 -8.93 2.44
N HIS B 53 -27.40 -7.76 3.05
CA HIS B 53 -28.59 -7.45 3.89
C HIS B 53 -29.58 -6.53 3.16
N GLY B 54 -29.21 -6.02 1.99
CA GLY B 54 -30.06 -5.13 1.18
C GLY B 54 -29.35 -3.83 0.84
N VAL B 55 -30.09 -2.92 0.20
CA VAL B 55 -29.57 -1.59 -0.28
C VAL B 55 -30.07 -0.52 0.70
N VAL B 56 -29.18 0.37 1.13
CA VAL B 56 -29.50 1.50 2.05
C VAL B 56 -29.03 2.79 1.39
N GLU B 57 -29.73 3.90 1.66
CA GLU B 57 -29.39 5.25 1.14
C GLU B 57 -28.51 5.96 2.19
N ARG B 58 -27.34 6.46 1.77
CA ARG B 58 -26.38 7.20 2.64
C ARG B 58 -25.87 8.43 1.85
N ASP B 59 -26.19 9.63 2.33
CA ASP B 59 -25.77 10.93 1.73
C ASP B 59 -26.26 10.99 0.28
N GLY B 60 -27.52 10.60 0.03
CA GLY B 60 -28.15 10.59 -1.29
C GLY B 60 -27.45 9.68 -2.28
N GLU B 61 -27.03 8.48 -1.85
CA GLU B 61 -26.39 7.47 -2.73
C GLU B 61 -26.69 6.06 -2.21
N SER B 62 -26.92 5.10 -3.12
CA SER B 62 -27.20 3.67 -2.81
C SER B 62 -25.92 2.97 -2.33
N TYR B 63 -26.04 2.16 -1.29
CA TYR B 63 -24.95 1.29 -0.78
C TYR B 63 -25.50 -0.12 -0.56
N LEU B 64 -24.67 -1.11 -0.89
CA LEU B 64 -24.89 -2.51 -0.46
C LEU B 64 -24.52 -2.57 1.02
N GLN B 65 -25.40 -3.12 1.85
CA GLN B 65 -25.09 -3.39 3.27
C GLN B 65 -24.52 -4.81 3.37
N LEU B 66 -23.22 -4.92 3.64
CA LEU B 66 -22.46 -6.19 3.59
C LEU B 66 -21.93 -6.53 4.98
N GLN B 67 -21.84 -7.82 5.26
CA GLN B 67 -20.97 -8.37 6.32
C GLN B 67 -19.57 -7.80 6.12
N ASP B 68 -18.95 -7.29 7.18
CA ASP B 68 -17.51 -6.92 7.20
C ASP B 68 -16.74 -8.19 7.54
N LEU B 69 -16.04 -8.76 6.55
CA LEU B 69 -15.37 -10.08 6.68
C LEU B 69 -14.24 -10.04 7.71
N LEU B 70 -13.76 -8.85 8.07
CA LEU B 70 -12.65 -8.73 9.07
C LEU B 70 -13.22 -8.80 10.51
N ASP B 71 -14.53 -8.75 10.70
CA ASP B 71 -15.14 -8.57 12.04
C ASP B 71 -14.67 -9.65 13.02
N GLY B 72 -14.75 -10.92 12.63
CA GLY B 72 -14.42 -12.03 13.54
C GLY B 72 -12.94 -12.22 13.76
N PHE B 73 -12.07 -11.24 13.38
CA PHE B 73 -10.60 -11.40 13.39
C PHE B 73 -9.94 -10.38 14.34
N ASP B 74 -8.87 -10.80 14.99
CA ASP B 74 -8.06 -9.93 15.89
C ASP B 74 -6.72 -9.62 15.19
N GLY B 75 -6.62 -8.47 14.56
CA GLY B 75 -5.43 -8.06 13.77
C GLY B 75 -5.33 -8.87 12.48
N PRO B 76 -6.32 -8.73 11.58
CA PRO B 76 -6.39 -9.55 10.38
C PRO B 76 -5.31 -9.15 9.35
N CYS B 77 -4.66 -10.16 8.75
CA CYS B 77 -3.83 -10.07 7.51
C CYS B 77 -4.76 -10.43 6.36
N VAL B 78 -4.69 -9.73 5.24
CA VAL B 78 -5.65 -9.90 4.12
C VAL B 78 -4.88 -10.04 2.81
N LEU B 79 -5.20 -11.04 2.00
CA LEU B 79 -4.63 -11.18 0.65
C LEU B 79 -5.78 -11.29 -0.34
N ASP B 80 -5.76 -10.44 -1.37
CA ASP B 80 -6.81 -10.37 -2.40
C ASP B 80 -6.24 -11.04 -3.65
N CYS B 81 -6.86 -12.14 -4.08
N CYS B 81 -6.95 -12.02 -4.15
CA CYS B 81 -6.52 -12.91 -5.31
CA CYS B 81 -6.55 -12.88 -5.28
C CYS B 81 -7.59 -12.70 -6.37
C CYS B 81 -7.58 -12.75 -6.40
N LYS B 82 -7.25 -12.07 -7.51
CA LYS B 82 -8.19 -11.87 -8.63
C LYS B 82 -8.33 -13.18 -9.42
N MET B 83 -9.55 -13.69 -9.57
CA MET B 83 -9.80 -15.03 -10.15
C MET B 83 -10.18 -14.93 -11.63
N GLY B 84 -9.60 -15.82 -12.44
CA GLY B 84 -9.96 -15.99 -13.85
C GLY B 84 -8.79 -15.78 -14.78
N VAL B 85 -8.87 -16.40 -15.96
CA VAL B 85 -7.84 -16.21 -17.04
C VAL B 85 -8.09 -14.88 -17.76
N ARG B 86 -9.30 -14.34 -17.62
CA ARG B 86 -9.76 -13.11 -18.29
C ARG B 86 -10.35 -12.17 -17.24
N THR B 87 -10.01 -10.88 -17.33
CA THR B 87 -10.28 -9.86 -16.28
C THR B 87 -11.16 -8.73 -16.83
N TYR B 88 -11.75 -8.89 -18.01
CA TYR B 88 -12.60 -7.86 -18.68
C TYR B 88 -13.75 -8.58 -19.39
N LEU B 89 -14.87 -7.90 -19.60
CA LEU B 89 -16.04 -8.44 -20.33
C LEU B 89 -15.71 -8.49 -21.83
N GLU B 90 -16.32 -9.43 -22.56
CA GLU B 90 -16.14 -9.57 -24.03
C GLU B 90 -16.57 -8.28 -24.76
N GLU B 91 -17.59 -7.59 -24.22
N GLU B 91 -17.58 -7.58 -24.22
CA GLU B 91 -18.09 -6.29 -24.72
CA GLU B 91 -18.10 -6.29 -24.76
C GLU B 91 -16.92 -5.34 -25.02
C GLU B 91 -16.93 -5.32 -25.01
N GLU B 92 -15.91 -5.34 -24.15
CA GLU B 92 -14.72 -4.43 -24.23
C GLU B 92 -13.96 -4.61 -25.56
N LEU B 93 -14.00 -5.81 -26.14
CA LEU B 93 -13.39 -6.11 -27.46
C LEU B 93 -14.29 -5.47 -28.54
N THR B 94 -15.54 -5.91 -28.61
CA THR B 94 -16.57 -5.47 -29.61
C THR B 94 -16.60 -3.93 -29.67
N LYS B 95 -16.50 -3.27 -28.51
CA LYS B 95 -16.42 -1.79 -28.38
C LYS B 95 -15.14 -1.29 -29.09
N ALA B 96 -14.00 -1.93 -28.81
CA ALA B 96 -12.66 -1.58 -29.35
C ALA B 96 -12.52 -2.00 -30.82
N ARG B 97 -13.30 -2.99 -31.26
CA ARG B 97 -13.23 -3.58 -32.63
C ARG B 97 -14.05 -2.73 -33.61
N GLU B 98 -15.30 -2.41 -33.25
CA GLU B 98 -16.23 -1.57 -34.04
C GLU B 98 -15.57 -0.22 -34.33
N ARG B 99 -15.21 0.52 -33.27
CA ARG B 99 -14.51 1.84 -33.34
C ARG B 99 -13.35 1.84 -32.36
N PRO B 100 -12.13 2.28 -32.78
CA PRO B 100 -10.96 2.26 -31.90
C PRO B 100 -11.13 3.25 -30.74
N LYS B 101 -11.00 2.77 -29.50
CA LYS B 101 -11.07 3.59 -28.26
C LYS B 101 -9.74 3.46 -27.51
N LEU B 102 -8.74 4.25 -27.92
CA LEU B 102 -7.39 4.27 -27.28
C LEU B 102 -7.51 4.92 -25.89
N ARG B 103 -6.80 4.38 -24.91
CA ARG B 103 -6.71 4.89 -23.52
C ARG B 103 -5.29 5.38 -23.26
N LYS B 104 -5.14 6.66 -22.89
CA LYS B 104 -3.87 7.30 -22.46
C LYS B 104 -3.66 7.02 -20.97
N ASP B 105 -4.75 7.05 -20.19
CA ASP B 105 -4.78 6.68 -18.75
C ASP B 105 -4.16 5.30 -18.56
N MET B 106 -4.45 4.35 -19.48
CA MET B 106 -3.98 2.94 -19.41
C MET B 106 -2.58 2.80 -20.02
N TYR B 107 -2.12 3.77 -20.83
CA TYR B 107 -0.72 3.79 -21.30
C TYR B 107 0.19 4.07 -20.09
N LYS B 108 -0.12 5.14 -19.35
CA LYS B 108 0.61 5.54 -18.11
C LYS B 108 0.97 4.27 -17.33
N LYS B 109 -0.05 3.47 -16.98
CA LYS B 109 0.09 2.21 -16.18
C LYS B 109 1.12 1.30 -16.85
N MET B 110 0.90 0.94 -18.13
CA MET B 110 1.82 0.09 -18.94
C MET B 110 3.23 0.68 -18.86
N LEU B 111 3.34 1.99 -19.10
CA LEU B 111 4.62 2.75 -19.07
C LEU B 111 5.19 2.75 -17.65
N ALA B 127 -2.61 5.58 -25.30
CA ALA B 127 -2.51 5.11 -26.70
C ALA B 127 -2.53 3.58 -26.75
N VAL B 128 -3.46 2.96 -26.01
CA VAL B 128 -3.71 1.48 -25.99
C VAL B 128 -5.18 1.22 -25.68
N THR B 129 -5.77 0.16 -26.25
CA THR B 129 -7.15 -0.30 -25.93
C THR B 129 -7.13 -0.89 -24.52
N LYS B 130 -8.28 -0.93 -23.84
CA LYS B 130 -8.43 -1.57 -22.50
C LYS B 130 -8.12 -3.07 -22.63
N PRO B 131 -8.74 -3.81 -23.58
CA PRO B 131 -8.46 -5.23 -23.75
C PRO B 131 -6.96 -5.55 -23.89
N ARG B 132 -6.24 -4.76 -24.69
CA ARG B 132 -4.78 -4.97 -24.94
C ARG B 132 -4.01 -4.66 -23.65
N TYR B 133 -4.37 -3.60 -22.93
CA TYR B 133 -3.75 -3.32 -21.61
C TYR B 133 -4.04 -4.52 -20.68
N MET B 134 -5.31 -4.93 -20.58
CA MET B 134 -5.76 -5.96 -19.61
C MET B 134 -5.16 -7.31 -19.98
N GLN B 135 -5.03 -7.61 -21.29
CA GLN B 135 -4.40 -8.85 -21.81
C GLN B 135 -2.92 -8.86 -21.46
N TRP B 136 -2.24 -7.73 -21.61
CA TRP B 136 -0.81 -7.59 -21.21
C TRP B 136 -0.69 -7.84 -19.70
N ARG B 137 -1.57 -7.24 -18.89
CA ARG B 137 -1.59 -7.38 -17.40
C ARG B 137 -1.75 -8.86 -17.03
N GLU B 138 -2.62 -9.56 -17.74
CA GLU B 138 -2.90 -11.01 -17.53
C GLU B 138 -1.65 -11.84 -17.84
N GLY B 139 -0.84 -11.41 -18.81
CA GLY B 139 0.29 -12.19 -19.33
C GLY B 139 1.58 -12.01 -18.56
N ILE B 140 1.83 -10.82 -17.96
CA ILE B 140 3.05 -10.60 -17.13
C ILE B 140 2.80 -11.11 -15.70
N SER B 141 1.54 -11.19 -15.27
CA SER B 141 1.13 -11.86 -14.00
C SER B 141 0.85 -13.34 -14.26
N SER B 142 0.28 -14.04 -13.27
CA SER B 142 -0.09 -15.47 -13.38
C SER B 142 -1.48 -15.65 -14.00
N SER B 143 -2.22 -14.59 -14.33
CA SER B 143 -3.64 -14.71 -14.77
C SER B 143 -3.72 -15.65 -15.98
N THR B 144 -2.92 -15.42 -17.03
CA THR B 144 -3.11 -16.14 -18.32
C THR B 144 -2.81 -17.63 -18.14
N THR B 145 -1.75 -17.97 -17.42
CA THR B 145 -1.22 -19.35 -17.31
C THR B 145 -1.87 -20.09 -16.13
N LEU B 146 -2.15 -19.42 -15.01
CA LEU B 146 -2.65 -20.12 -13.79
C LEU B 146 -4.12 -19.84 -13.51
N GLY B 147 -4.72 -18.79 -14.09
CA GLY B 147 -6.16 -18.48 -13.91
C GLY B 147 -6.48 -17.74 -12.63
N PHE B 148 -5.47 -17.06 -12.04
CA PHE B 148 -5.61 -16.17 -10.87
C PHE B 148 -4.35 -15.30 -10.78
N ARG B 149 -4.46 -14.20 -10.08
CA ARG B 149 -3.25 -13.44 -9.70
C ARG B 149 -3.46 -12.79 -8.34
N ILE B 150 -2.38 -12.71 -7.58
CA ILE B 150 -2.31 -11.97 -6.29
C ILE B 150 -2.34 -10.48 -6.63
N GLU B 151 -3.31 -9.73 -6.07
CA GLU B 151 -3.43 -8.27 -6.33
C GLU B 151 -2.78 -7.49 -5.18
N GLY B 152 -2.95 -7.95 -3.94
CA GLY B 152 -2.59 -7.10 -2.79
C GLY B 152 -2.56 -7.86 -1.50
N ILE B 153 -1.76 -7.37 -0.56
CA ILE B 153 -1.69 -7.88 0.84
C ILE B 153 -1.83 -6.68 1.77
N LYS B 154 -2.59 -6.84 2.85
CA LYS B 154 -2.69 -5.88 3.98
C LYS B 154 -2.27 -6.64 5.24
N LYS B 155 -1.18 -6.24 5.88
CA LYS B 155 -0.55 -6.96 7.02
C LYS B 155 -1.13 -6.41 8.33
N ALA B 156 -1.09 -7.21 9.40
CA ALA B 156 -1.56 -6.84 10.76
C ALA B 156 -0.63 -5.79 11.39
N ASP B 157 0.57 -5.60 10.82
CA ASP B 157 1.55 -4.55 11.24
C ASP B 157 1.22 -3.22 10.53
N GLY B 158 0.14 -3.17 9.75
CA GLY B 158 -0.38 -1.96 9.08
C GLY B 158 0.19 -1.78 7.68
N SER B 159 1.23 -2.55 7.34
CA SER B 159 1.88 -2.58 6.01
C SER B 159 0.86 -3.01 4.94
N CYS B 160 1.05 -2.50 3.73
CA CYS B 160 0.17 -2.63 2.54
C CYS B 160 1.09 -2.91 1.35
N SER B 161 0.75 -3.82 0.43
CA SER B 161 1.55 -3.99 -0.81
C SER B 161 0.66 -4.41 -1.98
N THR B 162 0.83 -3.76 -3.12
CA THR B 162 0.21 -4.15 -4.42
C THR B 162 1.31 -4.45 -5.46
N ASP B 163 2.55 -4.70 -5.03
CA ASP B 163 3.73 -4.88 -5.92
C ASP B 163 3.82 -6.36 -6.34
N PHE B 164 2.85 -6.84 -7.12
CA PHE B 164 2.72 -8.25 -7.56
C PHE B 164 2.45 -8.34 -9.07
N LYS B 165 2.68 -7.26 -9.81
CA LYS B 165 2.23 -7.14 -11.22
C LYS B 165 3.03 -8.11 -12.11
N THR B 166 4.23 -8.54 -11.71
CA THR B 166 5.07 -9.52 -12.46
C THR B 166 5.24 -10.83 -11.67
N THR B 167 4.39 -11.08 -10.67
CA THR B 167 4.33 -12.39 -9.97
C THR B 167 3.60 -13.35 -10.92
N ARG B 168 4.32 -14.29 -11.54
CA ARG B 168 3.76 -15.10 -12.65
C ARG B 168 3.95 -16.61 -12.46
N SER B 169 5.15 -17.07 -12.10
CA SER B 169 5.46 -18.51 -12.00
C SER B 169 4.80 -19.10 -10.76
N ARG B 170 4.51 -20.40 -10.79
N ARG B 170 4.54 -20.40 -10.77
CA ARG B 170 3.99 -21.19 -9.64
CA ARG B 170 3.96 -21.15 -9.62
C ARG B 170 4.81 -20.88 -8.39
C ARG B 170 4.81 -20.89 -8.37
N GLU B 171 6.13 -20.99 -8.51
CA GLU B 171 7.07 -20.82 -7.37
C GLU B 171 7.05 -19.36 -6.87
N GLN B 172 6.91 -18.36 -7.75
CA GLN B 172 6.77 -16.94 -7.34
C GLN B 172 5.49 -16.76 -6.50
N VAL B 173 4.40 -17.36 -6.96
CA VAL B 173 3.09 -17.28 -6.24
C VAL B 173 3.25 -17.97 -4.88
N LEU B 174 3.86 -19.17 -4.88
CA LEU B 174 4.08 -19.97 -3.66
C LEU B 174 4.89 -19.14 -2.66
N ARG B 175 5.91 -18.41 -3.13
CA ARG B 175 6.75 -17.58 -2.23
C ARG B 175 5.93 -16.43 -1.63
N VAL B 176 4.98 -15.84 -2.36
CA VAL B 176 4.11 -14.76 -1.83
C VAL B 176 3.25 -15.36 -0.70
N PHE B 177 2.67 -16.53 -0.92
CA PHE B 177 1.79 -17.16 0.10
C PHE B 177 2.63 -17.55 1.31
N GLU B 178 3.84 -18.10 1.09
CA GLU B 178 4.77 -18.49 2.17
C GLU B 178 4.99 -17.26 3.07
N GLU B 179 5.24 -16.10 2.46
CA GLU B 179 5.52 -14.85 3.20
C GLU B 179 4.24 -14.43 3.94
N PHE B 180 3.09 -14.55 3.29
CA PHE B 180 1.78 -14.10 3.84
C PHE B 180 1.44 -14.88 5.11
N VAL B 181 1.62 -16.20 5.14
CA VAL B 181 1.18 -17.04 6.31
C VAL B 181 2.28 -17.11 7.37
N GLN B 182 3.53 -16.74 7.05
CA GLN B 182 4.63 -16.58 8.05
C GLN B 182 4.78 -17.85 8.91
N GLY B 183 4.76 -19.03 8.28
CA GLY B 183 5.07 -20.34 8.90
C GLY B 183 3.95 -20.88 9.79
N ASP B 184 2.77 -20.26 9.78
CA ASP B 184 1.60 -20.69 10.60
C ASP B 184 0.94 -21.89 9.90
N GLU B 185 1.26 -23.11 10.35
CA GLU B 185 0.78 -24.37 9.73
C GLU B 185 -0.75 -24.45 9.89
N GLU B 186 -1.29 -23.98 11.01
CA GLU B 186 -2.75 -24.08 11.32
C GLU B 186 -3.52 -23.20 10.33
N VAL B 187 -3.05 -21.97 10.10
CA VAL B 187 -3.69 -21.04 9.13
C VAL B 187 -3.65 -21.68 7.73
N LEU B 188 -2.49 -22.15 7.28
CA LEU B 188 -2.36 -22.78 5.95
C LEU B 188 -3.34 -23.97 5.84
N ARG B 189 -3.43 -24.82 6.86
CA ARG B 189 -4.29 -26.03 6.85
C ARG B 189 -5.75 -25.57 6.70
N ARG B 190 -6.11 -24.53 7.45
CA ARG B 190 -7.48 -23.95 7.47
C ARG B 190 -7.78 -23.30 6.12
N TYR B 191 -6.83 -22.60 5.52
CA TYR B 191 -7.03 -22.03 4.15
C TYR B 191 -7.32 -23.15 3.15
N LEU B 192 -6.51 -24.21 3.18
CA LEU B 192 -6.64 -25.34 2.24
C LEU B 192 -8.00 -26.02 2.44
N ASN B 193 -8.41 -26.24 3.68
CA ASN B 193 -9.71 -26.90 3.98
C ASN B 193 -10.83 -26.03 3.41
N ARG B 194 -10.74 -24.71 3.55
CA ARG B 194 -11.79 -23.78 3.08
C ARG B 194 -11.81 -23.75 1.55
N LEU B 195 -10.65 -23.73 0.87
CA LEU B 195 -10.62 -23.71 -0.62
C LEU B 195 -11.21 -25.01 -1.17
N GLN B 196 -10.93 -26.15 -0.54
CA GLN B 196 -11.48 -27.47 -0.96
C GLN B 196 -13.02 -27.40 -0.88
N GLN B 197 -13.53 -26.90 0.25
CA GLN B 197 -14.98 -26.79 0.49
C GLN B 197 -15.59 -25.76 -0.47
N ILE B 198 -14.92 -24.64 -0.74
CA ILE B 198 -15.40 -23.68 -1.78
C ILE B 198 -15.47 -24.35 -3.16
N ARG B 199 -14.44 -25.11 -3.54
CA ARG B 199 -14.41 -25.76 -4.87
C ARG B 199 -15.63 -26.69 -4.97
N ASP B 200 -15.85 -27.52 -3.95
CA ASP B 200 -17.00 -28.46 -3.92
C ASP B 200 -18.32 -27.68 -4.08
N THR B 201 -18.44 -26.52 -3.44
CA THR B 201 -19.66 -25.67 -3.48
C THR B 201 -19.84 -25.07 -4.87
N LEU B 202 -18.78 -24.52 -5.47
CA LEU B 202 -18.81 -23.99 -6.85
C LEU B 202 -19.23 -25.06 -7.85
N GLU B 203 -18.73 -26.29 -7.71
CA GLU B 203 -19.01 -27.40 -8.66
C GLU B 203 -20.49 -27.79 -8.65
N VAL B 204 -21.25 -27.45 -7.60
CA VAL B 204 -22.70 -27.82 -7.50
C VAL B 204 -23.60 -26.59 -7.59
N SER B 205 -23.04 -25.37 -7.50
CA SER B 205 -23.78 -24.09 -7.46
C SER B 205 -24.61 -23.88 -8.73
N GLU B 206 -25.94 -23.69 -8.59
CA GLU B 206 -26.83 -23.32 -9.72
C GLU B 206 -26.43 -21.95 -10.26
N PHE B 207 -26.09 -21.03 -9.37
CA PHE B 207 -25.62 -19.68 -9.74
C PHE B 207 -24.35 -19.80 -10.60
N PHE B 208 -23.38 -20.56 -10.11
CA PHE B 208 -22.02 -20.56 -10.71
C PHE B 208 -22.08 -21.09 -12.15
N ARG B 209 -22.85 -22.15 -12.39
CA ARG B 209 -22.89 -22.81 -13.72
C ARG B 209 -23.54 -21.87 -14.75
N ARG B 210 -24.39 -20.94 -14.32
CA ARG B 210 -25.19 -20.08 -15.23
C ARG B 210 -24.64 -18.65 -15.31
N HIS B 211 -23.50 -18.35 -14.67
CA HIS B 211 -22.96 -16.97 -14.66
C HIS B 211 -21.51 -16.98 -15.11
N GLU B 212 -21.15 -15.95 -15.86
CA GLU B 212 -19.77 -15.61 -16.21
C GLU B 212 -19.19 -14.77 -15.07
N VAL B 213 -18.11 -15.23 -14.45
CA VAL B 213 -17.59 -14.62 -13.20
C VAL B 213 -16.26 -13.96 -13.52
N ILE B 214 -16.28 -12.67 -13.84
CA ILE B 214 -15.10 -11.87 -14.28
C ILE B 214 -14.81 -10.80 -13.22
N GLY B 215 -13.55 -10.63 -12.85
CA GLY B 215 -13.07 -9.53 -12.00
C GLY B 215 -13.42 -9.74 -10.54
N SER B 216 -13.82 -10.95 -10.15
CA SER B 216 -14.09 -11.31 -8.74
C SER B 216 -12.78 -11.69 -8.06
N SER B 217 -12.76 -11.67 -6.74
CA SER B 217 -11.57 -12.02 -5.94
C SER B 217 -11.93 -13.10 -4.92
N LEU B 218 -10.92 -13.86 -4.53
CA LEU B 218 -10.96 -14.64 -3.28
C LEU B 218 -10.20 -13.80 -2.28
N LEU B 219 -10.84 -13.53 -1.14
CA LEU B 219 -10.22 -12.72 -0.06
C LEU B 219 -9.80 -13.67 1.05
N PHE B 220 -8.50 -13.80 1.27
CA PHE B 220 -7.88 -14.60 2.33
C PHE B 220 -7.73 -13.72 3.55
N VAL B 221 -8.27 -14.15 4.69
CA VAL B 221 -8.13 -13.39 5.96
C VAL B 221 -7.63 -14.34 7.04
N HIS B 222 -6.56 -13.97 7.76
CA HIS B 222 -6.14 -14.74 8.95
C HIS B 222 -5.64 -13.81 10.04
N ASP B 223 -5.43 -14.33 11.26
CA ASP B 223 -4.90 -13.52 12.39
C ASP B 223 -3.93 -14.35 13.24
N HIS B 224 -3.33 -13.71 14.25
CA HIS B 224 -2.28 -14.29 15.12
C HIS B 224 -2.88 -15.40 16.01
N CYS B 225 -4.21 -15.41 16.17
CA CYS B 225 -4.96 -16.48 16.91
C CYS B 225 -5.24 -17.69 15.99
N HIS B 226 -4.73 -17.67 14.77
CA HIS B 226 -4.77 -18.82 13.80
C HIS B 226 -6.15 -18.94 13.17
N ARG B 227 -7.03 -17.95 13.34
CA ARG B 227 -8.32 -17.90 12.60
C ARG B 227 -8.00 -17.68 11.11
N ALA B 228 -8.69 -18.38 10.21
CA ALA B 228 -8.46 -18.26 8.75
C ALA B 228 -9.81 -18.37 8.07
N GLY B 229 -10.09 -17.47 7.13
CA GLY B 229 -11.30 -17.54 6.29
C GLY B 229 -10.97 -17.21 4.86
N VAL B 230 -11.79 -17.65 3.92
CA VAL B 230 -11.69 -17.22 2.50
C VAL B 230 -13.11 -16.96 2.00
N TRP B 231 -13.33 -15.86 1.29
CA TRP B 231 -14.64 -15.56 0.67
C TRP B 231 -14.45 -15.10 -0.77
N LEU B 232 -15.48 -15.31 -1.60
CA LEU B 232 -15.58 -14.71 -2.94
C LEU B 232 -16.16 -13.30 -2.73
N ILE B 233 -15.55 -12.31 -3.37
CA ILE B 233 -16.05 -10.91 -3.34
C ILE B 233 -15.98 -10.33 -4.75
N ASP B 234 -16.73 -9.24 -4.95
CA ASP B 234 -16.72 -8.35 -6.15
C ASP B 234 -17.43 -9.04 -7.31
N PHE B 235 -18.75 -8.86 -7.39
CA PHE B 235 -19.63 -9.44 -8.42
C PHE B 235 -20.04 -8.32 -9.41
N GLY B 236 -19.22 -7.28 -9.50
CA GLY B 236 -19.48 -6.08 -10.34
C GLY B 236 -19.43 -6.40 -11.82
N LYS B 237 -18.76 -7.50 -12.22
CA LYS B 237 -18.67 -7.93 -13.63
C LYS B 237 -19.09 -9.39 -13.78
N THR B 238 -19.94 -9.89 -12.88
CA THR B 238 -20.53 -11.24 -12.97
C THR B 238 -21.92 -11.10 -13.60
N THR B 239 -22.15 -11.78 -14.73
CA THR B 239 -23.36 -11.60 -15.58
C THR B 239 -23.95 -12.95 -15.97
N PRO B 240 -25.29 -13.04 -16.11
CA PRO B 240 -25.96 -14.28 -16.44
C PRO B 240 -25.71 -14.65 -17.91
N LEU B 241 -25.73 -15.94 -18.19
CA LEU B 241 -25.68 -16.49 -19.58
C LEU B 241 -27.09 -16.56 -20.13
N PRO B 242 -27.27 -16.54 -21.47
CA PRO B 242 -28.57 -16.77 -22.10
C PRO B 242 -29.26 -18.03 -21.56
N ASP B 243 -30.59 -18.08 -21.63
CA ASP B 243 -31.44 -19.09 -20.94
C ASP B 243 -30.93 -20.49 -21.29
N GLY B 244 -30.62 -21.30 -20.28
CA GLY B 244 -30.27 -22.73 -20.43
C GLY B 244 -28.80 -22.97 -20.75
N GLN B 245 -28.03 -21.93 -21.12
N GLN B 245 -28.03 -21.93 -21.12
CA GLN B 245 -26.58 -22.04 -21.41
CA GLN B 245 -26.58 -22.05 -21.41
C GLN B 245 -25.79 -22.05 -20.09
C GLN B 245 -25.81 -22.06 -20.08
N ILE B 246 -24.73 -22.85 -20.02
CA ILE B 246 -23.86 -22.96 -18.81
C ILE B 246 -22.39 -22.81 -19.22
N LEU B 247 -21.52 -22.53 -18.25
CA LEU B 247 -20.05 -22.55 -18.42
C LEU B 247 -19.50 -23.73 -17.60
N ASP B 248 -18.36 -24.27 -18.01
CA ASP B 248 -17.67 -25.33 -17.22
C ASP B 248 -16.58 -24.67 -16.35
N HIS B 249 -16.12 -23.47 -16.71
CA HIS B 249 -15.21 -22.63 -15.90
C HIS B 249 -13.79 -23.23 -15.83
N ARG B 250 -13.49 -24.24 -16.64
CA ARG B 250 -12.11 -24.78 -16.78
C ARG B 250 -11.56 -24.59 -18.19
N ARG B 251 -12.39 -24.69 -19.23
CA ARG B 251 -11.89 -24.74 -20.62
C ARG B 251 -11.33 -23.36 -20.99
N PRO B 252 -10.38 -23.28 -21.95
CA PRO B 252 -9.86 -22.00 -22.39
C PRO B 252 -10.96 -21.03 -22.89
N TRP B 253 -10.73 -19.75 -22.60
CA TRP B 253 -11.57 -18.66 -23.13
C TRP B 253 -11.27 -18.51 -24.63
N GLU B 254 -12.32 -18.51 -25.43
CA GLU B 254 -12.30 -18.18 -26.88
C GLU B 254 -13.42 -17.17 -27.12
N GLU B 255 -13.09 -15.99 -27.65
CA GLU B 255 -14.09 -14.90 -27.80
C GLU B 255 -15.41 -15.48 -28.32
N GLY B 256 -16.50 -15.28 -27.58
CA GLY B 256 -17.84 -15.81 -27.91
C GLY B 256 -18.32 -16.83 -26.89
N ASN B 257 -17.41 -17.58 -26.24
CA ASN B 257 -17.81 -18.70 -25.33
C ASN B 257 -17.96 -18.19 -23.89
N ARG B 258 -17.51 -16.98 -23.58
CA ARG B 258 -17.72 -16.29 -22.27
C ARG B 258 -17.10 -17.09 -21.11
N GLU B 259 -16.19 -18.04 -21.39
CA GLU B 259 -15.51 -18.85 -20.35
C GLU B 259 -14.53 -17.97 -19.58
N ASP B 260 -14.40 -18.20 -18.27
CA ASP B 260 -13.63 -17.31 -17.38
C ASP B 260 -12.41 -18.02 -16.76
N GLY B 261 -12.29 -19.35 -16.90
CA GLY B 261 -11.16 -20.07 -16.30
C GLY B 261 -11.16 -20.01 -14.78
N TYR B 262 -12.29 -19.70 -14.15
CA TYR B 262 -12.38 -19.54 -12.68
C TYR B 262 -11.85 -20.80 -11.97
N LEU B 263 -12.36 -21.98 -12.34
CA LEU B 263 -12.03 -23.22 -11.61
C LEU B 263 -10.62 -23.69 -11.98
N LEU B 264 -10.13 -23.34 -13.17
CA LEU B 264 -8.70 -23.58 -13.49
C LEU B 264 -7.86 -22.84 -12.45
N GLY B 265 -8.20 -21.57 -12.21
CA GLY B 265 -7.56 -20.74 -11.19
C GLY B 265 -7.62 -21.39 -9.81
N LEU B 266 -8.80 -21.79 -9.36
CA LEU B 266 -8.95 -22.35 -8.00
C LEU B 266 -8.17 -23.67 -7.92
N ASP B 267 -8.23 -24.51 -8.96
CA ASP B 267 -7.45 -25.77 -9.01
C ASP B 267 -5.96 -25.46 -8.76
N ASN B 268 -5.41 -24.46 -9.44
CA ASN B 268 -3.97 -24.12 -9.37
C ASN B 268 -3.67 -23.55 -7.98
N LEU B 269 -4.56 -22.72 -7.44
CA LEU B 269 -4.40 -22.10 -6.10
C LEU B 269 -4.33 -23.21 -5.05
N ILE B 270 -5.25 -24.18 -5.12
CA ILE B 270 -5.27 -25.31 -4.16
C ILE B 270 -3.95 -26.09 -4.31
N GLY B 271 -3.51 -26.36 -5.54
CA GLY B 271 -2.26 -27.09 -5.82
C GLY B 271 -1.07 -26.40 -5.17
N ILE B 272 -1.00 -25.09 -5.31
CA ILE B 272 0.14 -24.27 -4.82
C ILE B 272 0.13 -24.28 -3.28
N LEU B 273 -1.04 -24.09 -2.65
CA LEU B 273 -1.13 -24.10 -1.18
C LEU B 273 -0.80 -25.51 -0.65
N ALA B 274 -1.26 -26.58 -1.31
CA ALA B 274 -0.97 -27.98 -0.89
C ALA B 274 0.55 -28.23 -0.98
N SER B 275 1.20 -27.77 -2.04
CA SER B 275 2.68 -27.84 -2.21
C SER B 275 3.34 -27.14 -1.02
N LEU B 276 2.95 -25.91 -0.73
CA LEU B 276 3.51 -25.09 0.39
C LEU B 276 3.35 -25.82 1.73
N ALA B 277 2.21 -26.48 1.95
CA ALA B 277 1.92 -27.20 3.21
C ALA B 277 2.92 -28.33 3.43
N GLU B 278 3.54 -28.86 2.36
CA GLU B 278 4.51 -29.98 2.42
C GLU B 278 5.96 -29.49 2.45
N ARG B 279 6.21 -28.18 2.33
CA ARG B 279 7.56 -27.55 2.36
C ARG B 279 8.08 -27.51 3.80
#